data_3A6C
#
_entry.id   3A6C
#
_cell.length_a   56.573
_cell.length_b   56.573
_cell.length_c   233.679
_cell.angle_alpha   90.00
_cell.angle_beta   90.00
_cell.angle_gamma   90.00
#
_symmetry.space_group_name_H-M   'P 41 21 2'
#
loop_
_entity.id
_entity.type
_entity.pdbx_description
1 polymer 'Lysozyme binding ig kappa chain V23-J2 region'
2 polymer 'IG VH, anti-lysozyme'
3 polymer 'Lysozyme C'
4 water water
#
loop_
_entity_poly.entity_id
_entity_poly.type
_entity_poly.pdbx_seq_one_letter_code
_entity_poly.pdbx_strand_id
1 'polypeptide(L)'
;DIVLTQSPATLSVTPGNSVSLSCRASQSIGNNLHWYQQKSHESPRLLIKYASQSISGIPSRFSGSGSGTDFTLSINSVET
EDFGMYFCQQSDSWPYTFGGGTKLEIK
;
L
2 'polypeptide(L)'
;DVQLQESGPSLVKPSQTLSLTCSVTGDSITSDYWSWIRKFPGNRLEYMGYVSYSGSTYYNPSLKSRISITRDTSKNQYYL
DLNSVTTEDTATYYCANWDGDYWGQGTLVTVSAA
;
H
3 'polypeptide(L)'
;KVFGRCELAAAMKRHGLDNYRGYSLGNWVCAAKFESNFNTQATNRNTDGSTDYGILQINSRWWCNDGRTPGSRNLCNIPC
SALLSSDITASVNCAKKIVSDGNGMNAWVAWRNRCKGTDVQAWIRGCRL
;
Y
#
# COMPACT_ATOMS: atom_id res chain seq x y z
N ASP A 1 6.78 16.67 1.01
CA ASP A 1 5.98 15.40 1.06
C ASP A 1 4.64 15.64 1.74
N ILE A 2 3.75 14.67 1.64
CA ILE A 2 2.44 14.79 2.26
C ILE A 2 2.56 14.60 3.76
N VAL A 3 2.06 15.58 4.49
CA VAL A 3 2.10 15.51 5.94
C VAL A 3 0.74 15.09 6.49
N LEU A 4 0.75 14.10 7.37
CA LEU A 4 -0.48 13.62 7.99
C LEU A 4 -0.44 14.04 9.45
N THR A 5 -1.48 14.73 9.88
CA THR A 5 -1.58 15.18 11.26
C THR A 5 -2.69 14.43 11.98
N GLN A 6 -2.34 13.78 13.08
CA GLN A 6 -3.32 13.02 13.85
C GLN A 6 -3.69 13.72 15.15
N SER A 7 -4.96 13.59 15.53
CA SER A 7 -5.46 14.16 16.76
C SER A 7 -6.61 13.32 17.29
N PRO A 8 -6.74 13.23 18.62
CA PRO A 8 -5.83 13.90 19.57
C PRO A 8 -4.54 13.08 19.61
N ALA A 9 -3.50 13.62 20.24
CA ALA A 9 -2.24 12.89 20.34
C ALA A 9 -2.46 11.70 21.29
N THR A 10 -3.32 11.91 22.28
CA THR A 10 -3.64 10.85 23.23
C THR A 10 -5.12 10.89 23.54
N LEU A 11 -5.71 9.71 23.73
CA LEU A 11 -7.13 9.62 24.03
C LEU A 11 -7.34 8.55 25.10
N SER A 12 -7.95 8.95 26.22
CA SER A 12 -8.22 8.02 27.30
C SER A 12 -9.70 7.66 27.25
N VAL A 13 -10.00 6.37 27.34
CA VAL A 13 -11.38 5.93 27.28
C VAL A 13 -11.60 4.69 28.15
N THR A 14 -12.84 4.53 28.61
CA THR A 14 -13.21 3.39 29.44
C THR A 14 -13.79 2.30 28.55
N PRO A 15 -13.29 1.06 28.68
CA PRO A 15 -13.81 -0.03 27.84
C PRO A 15 -15.34 0.01 27.76
N GLY A 16 -15.87 -0.14 26.56
CA GLY A 16 -17.31 -0.10 26.39
C GLY A 16 -17.74 1.15 25.67
N ASN A 17 -16.98 2.23 25.86
CA ASN A 17 -17.30 3.47 25.19
C ASN A 17 -16.67 3.47 23.81
N SER A 18 -17.16 4.33 22.93
CA SER A 18 -16.65 4.40 21.58
C SER A 18 -15.79 5.63 21.37
N VAL A 19 -14.85 5.54 20.42
CA VAL A 19 -13.97 6.66 20.13
C VAL A 19 -13.78 6.82 18.62
N SER A 20 -13.27 7.98 18.23
CA SER A 20 -13.00 8.26 16.82
C SER A 20 -11.68 9.00 16.80
N LEU A 21 -10.76 8.56 15.93
CA LEU A 21 -9.46 9.18 15.82
C LEU A 21 -9.38 9.90 14.49
N SER A 22 -8.76 11.08 14.51
CA SER A 22 -8.65 11.90 13.31
C SER A 22 -7.27 11.91 12.65
N CYS A 23 -7.28 12.01 11.33
CA CYS A 23 -6.04 12.07 10.55
C CYS A 23 -6.32 13.00 9.37
N ARG A 24 -5.58 14.10 9.28
CA ARG A 24 -5.77 15.05 8.20
C ARG A 24 -4.51 15.17 7.35
N ALA A 25 -4.70 15.17 6.03
CA ALA A 25 -3.58 15.26 5.08
C ALA A 25 -3.39 16.69 4.59
N SER A 26 -2.12 17.06 4.36
CA SER A 26 -1.77 18.40 3.90
C SER A 26 -2.30 18.73 2.50
N GLN A 27 -2.70 17.70 1.76
CA GLN A 27 -3.27 17.87 0.42
C GLN A 27 -4.21 16.71 0.18
N SER A 28 -5.12 16.85 -0.77
CA SER A 28 -6.07 15.78 -1.06
C SER A 28 -5.35 14.50 -1.50
N ILE A 29 -5.77 13.38 -0.92
CA ILE A 29 -5.18 12.09 -1.27
C ILE A 29 -6.26 11.07 -1.64
N GLY A 30 -7.44 11.57 -2.03
CA GLY A 30 -8.52 10.69 -2.41
C GLY A 30 -8.95 9.78 -1.28
N ASN A 31 -8.84 8.47 -1.50
CA ASN A 31 -9.21 7.47 -0.50
C ASN A 31 -7.96 6.68 -0.10
N ASN A 32 -6.80 7.20 -0.45
CA ASN A 32 -5.55 6.50 -0.20
C ASN A 32 -4.95 6.71 1.17
N LEU A 33 -5.74 6.40 2.19
CA LEU A 33 -5.35 6.55 3.58
C LEU A 33 -5.64 5.22 4.28
N HIS A 34 -4.63 4.68 4.96
CA HIS A 34 -4.76 3.40 5.64
C HIS A 34 -4.52 3.56 7.13
N TRP A 35 -5.10 2.67 7.93
CA TRP A 35 -4.94 2.73 9.38
C TRP A 35 -4.23 1.53 9.96
N TYR A 36 -3.28 1.79 10.84
CA TYR A 36 -2.50 0.77 11.51
C TYR A 36 -2.59 0.88 13.02
N GLN A 37 -2.52 -0.28 13.67
CA GLN A 37 -2.53 -0.35 15.13
C GLN A 37 -1.15 -0.89 15.48
N GLN A 38 -0.56 -0.39 16.56
CA GLN A 38 0.74 -0.89 16.99
C GLN A 38 0.86 -0.90 18.50
N LYS A 39 1.21 -2.05 19.05
CA LYS A 39 1.37 -2.21 20.48
C LYS A 39 2.85 -2.41 20.81
N SER A 40 3.21 -2.11 22.06
CA SER A 40 4.60 -2.26 22.51
C SER A 40 5.16 -3.64 22.13
N HIS A 41 6.40 -3.65 21.68
CA HIS A 41 7.09 -4.89 21.31
C HIS A 41 6.41 -5.64 20.17
N GLU A 42 5.71 -4.93 19.30
CA GLU A 42 5.02 -5.58 18.19
C GLU A 42 5.01 -4.77 16.90
N SER A 43 4.90 -5.48 15.77
CA SER A 43 4.87 -4.84 14.47
C SER A 43 3.48 -4.24 14.23
N PRO A 44 3.40 -3.24 13.35
CA PRO A 44 2.10 -2.61 13.05
C PRO A 44 1.14 -3.62 12.44
N ARG A 45 -0.16 -3.39 12.62
CA ARG A 45 -1.17 -4.30 12.07
C ARG A 45 -2.18 -3.47 11.28
N LEU A 46 -2.35 -3.81 10.01
CA LEU A 46 -3.28 -3.09 9.14
C LEU A 46 -4.73 -3.33 9.59
N LEU A 47 -5.45 -2.25 9.85
CA LEU A 47 -6.83 -2.33 10.31
C LEU A 47 -7.86 -1.99 9.24
N ILE A 48 -7.58 -0.92 8.51
CA ILE A 48 -8.46 -0.43 7.46
C ILE A 48 -7.60 0.01 6.28
N LYS A 49 -8.02 -0.28 5.06
CA LYS A 49 -7.25 0.15 3.91
C LYS A 49 -8.13 1.03 3.02
N TYR A 50 -7.49 1.95 2.30
CA TYR A 50 -8.21 2.85 1.41
C TYR A 50 -9.41 3.54 2.07
N ALA A 51 -9.13 4.17 3.20
CA ALA A 51 -10.08 4.94 3.99
C ALA A 51 -11.20 4.21 4.71
N SER A 52 -11.86 3.27 4.04
CA SER A 52 -12.99 2.58 4.64
C SER A 52 -13.12 1.08 4.35
N GLN A 53 -12.18 0.51 3.60
CA GLN A 53 -12.27 -0.90 3.27
C GLN A 53 -11.85 -1.81 4.43
N SER A 54 -12.70 -2.79 4.72
CA SER A 54 -12.49 -3.76 5.79
C SER A 54 -11.36 -4.73 5.47
N ILE A 55 -10.74 -5.26 6.53
CA ILE A 55 -9.64 -6.22 6.41
C ILE A 55 -10.04 -7.53 7.10
N SER A 56 -9.90 -8.64 6.39
CA SER A 56 -10.25 -9.95 6.95
C SER A 56 -9.43 -10.22 8.21
N GLY A 57 -10.09 -10.68 9.27
CA GLY A 57 -9.39 -10.98 10.51
C GLY A 57 -9.36 -9.85 11.52
N ILE A 58 -9.87 -8.68 11.15
CA ILE A 58 -9.88 -7.54 12.05
C ILE A 58 -11.27 -7.44 12.70
N PRO A 59 -11.34 -7.08 13.98
CA PRO A 59 -12.65 -6.96 14.64
C PRO A 59 -13.54 -6.00 13.86
N SER A 60 -14.82 -6.34 13.73
CA SER A 60 -15.75 -5.49 13.00
C SER A 60 -15.98 -4.14 13.66
N ARG A 61 -15.62 -4.00 14.93
CA ARG A 61 -15.82 -2.74 15.64
C ARG A 61 -14.96 -1.60 15.08
N PHE A 62 -14.00 -1.95 14.23
CA PHE A 62 -13.14 -0.94 13.61
C PHE A 62 -13.74 -0.52 12.26
N SER A 63 -13.90 0.78 12.05
CA SER A 63 -14.41 1.26 10.78
C SER A 63 -13.67 2.55 10.41
N GLY A 64 -13.55 2.80 9.11
CA GLY A 64 -12.87 4.00 8.66
C GLY A 64 -13.78 4.84 7.80
N SER A 65 -13.53 6.15 7.76
CA SER A 65 -14.36 7.05 6.98
C SER A 65 -13.56 8.26 6.50
N GLY A 66 -14.07 8.92 5.47
CA GLY A 66 -13.39 10.10 4.96
C GLY A 66 -12.87 10.00 3.55
N SER A 67 -12.46 11.14 3.01
CA SER A 67 -11.93 11.23 1.67
C SER A 67 -11.33 12.61 1.52
N GLY A 68 -10.45 12.78 0.54
CA GLY A 68 -9.85 14.08 0.34
C GLY A 68 -8.74 14.34 1.33
N THR A 69 -9.01 15.19 2.33
CA THR A 69 -8.00 15.52 3.33
C THR A 69 -8.34 15.11 4.76
N ASP A 70 -9.61 14.84 5.04
CA ASP A 70 -10.02 14.47 6.39
C ASP A 70 -10.52 13.05 6.54
N PHE A 71 -9.85 12.30 7.40
CA PHE A 71 -10.20 10.90 7.65
C PHE A 71 -10.37 10.61 9.12
N THR A 72 -11.11 9.54 9.43
CA THR A 72 -11.34 9.15 10.81
C THR A 72 -11.39 7.64 10.96
N LEU A 73 -10.88 7.15 12.08
CA LEU A 73 -10.91 5.73 12.41
C LEU A 73 -11.81 5.67 13.64
N SER A 74 -12.87 4.87 13.57
CA SER A 74 -13.79 4.75 14.69
C SER A 74 -13.76 3.35 15.30
N ILE A 75 -13.86 3.29 16.61
CA ILE A 75 -13.89 2.03 17.33
C ILE A 75 -15.21 2.03 18.11
N ASN A 76 -16.11 1.15 17.71
CA ASN A 76 -17.42 1.06 18.35
C ASN A 76 -17.33 0.11 19.55
N SER A 77 -17.32 0.69 20.74
CA SER A 77 -17.23 -0.07 21.99
C SER A 77 -15.82 -0.65 22.17
N VAL A 78 -14.91 0.23 22.61
CA VAL A 78 -13.52 -0.12 22.84
C VAL A 78 -13.33 -1.29 23.80
N GLU A 79 -12.41 -2.20 23.44
CA GLU A 79 -12.10 -3.35 24.26
C GLU A 79 -10.68 -3.15 24.78
N THR A 80 -10.32 -3.81 25.88
CA THR A 80 -8.98 -3.67 26.45
C THR A 80 -7.87 -3.99 25.43
N GLU A 81 -8.13 -4.96 24.55
CA GLU A 81 -7.15 -5.33 23.55
C GLU A 81 -6.91 -4.24 22.50
N ASP A 82 -7.70 -3.16 22.56
CA ASP A 82 -7.55 -2.06 21.60
C ASP A 82 -6.58 -0.98 22.06
N PHE A 83 -6.20 -1.00 23.33
CA PHE A 83 -5.28 0.01 23.82
C PHE A 83 -3.92 -0.15 23.16
N GLY A 84 -3.40 0.97 22.67
CA GLY A 84 -2.12 0.98 21.99
C GLY A 84 -2.03 2.21 21.10
N MET A 85 -1.14 2.17 20.11
CA MET A 85 -0.97 3.29 19.18
C MET A 85 -1.71 3.06 17.87
N TYR A 86 -2.16 4.16 17.26
CA TYR A 86 -2.86 4.10 15.98
C TYR A 86 -2.21 5.11 15.04
N PHE A 87 -1.84 4.63 13.86
CA PHE A 87 -1.18 5.48 12.86
C PHE A 87 -1.93 5.43 11.54
N CYS A 88 -1.99 6.57 10.86
CA CYS A 88 -2.59 6.60 9.53
C CYS A 88 -1.41 6.70 8.59
N GLN A 89 -1.59 6.22 7.35
CA GLN A 89 -0.52 6.25 6.36
C GLN A 89 -1.15 6.48 4.99
N GLN A 90 -0.54 7.36 4.20
CA GLN A 90 -1.07 7.64 2.85
C GLN A 90 -0.20 6.96 1.80
N SER A 91 -0.85 6.53 0.71
CA SER A 91 -0.13 5.88 -0.38
C SER A 91 -0.40 6.56 -1.72
N ASP A 92 -1.01 7.74 -1.67
CA ASP A 92 -1.31 8.52 -2.86
C ASP A 92 -0.04 8.93 -3.59
N SER A 93 0.94 9.37 -2.81
CA SER A 93 2.22 9.83 -3.35
C SER A 93 3.42 9.23 -2.66
N TRP A 94 4.50 9.07 -3.42
CA TRP A 94 5.75 8.55 -2.88
C TRP A 94 6.56 9.80 -2.54
N PRO A 95 7.22 9.82 -1.36
CA PRO A 95 7.25 8.77 -0.34
C PRO A 95 5.98 8.60 0.48
N TYR A 96 5.67 7.36 0.82
CA TYR A 96 4.50 7.09 1.65
C TYR A 96 4.84 7.72 3.00
N THR A 97 3.85 8.31 3.65
CA THR A 97 4.09 8.94 4.94
C THR A 97 3.07 8.52 5.98
N PHE A 98 3.51 8.57 7.23
CA PHE A 98 2.71 8.19 8.39
C PHE A 98 2.34 9.40 9.24
N GLY A 99 1.19 9.34 9.89
CA GLY A 99 0.80 10.40 10.78
C GLY A 99 1.66 10.22 12.03
N GLY A 100 1.60 11.17 12.96
CA GLY A 100 2.40 11.08 14.17
C GLY A 100 1.87 10.11 15.21
N GLY A 101 0.66 9.58 14.97
CA GLY A 101 0.08 8.63 15.89
C GLY A 101 -0.79 9.16 17.01
N THR A 102 -1.77 8.36 17.40
CA THR A 102 -2.68 8.70 18.49
C THR A 102 -2.63 7.53 19.47
N LYS A 103 -2.36 7.84 20.72
CA LYS A 103 -2.28 6.81 21.74
C LYS A 103 -3.65 6.63 22.41
N LEU A 104 -4.16 5.41 22.39
CA LEU A 104 -5.45 5.12 23.01
C LEU A 104 -5.15 4.33 24.28
N GLU A 105 -5.62 4.83 25.42
CA GLU A 105 -5.37 4.14 26.68
C GLU A 105 -6.57 4.19 27.62
N ILE A 106 -6.56 3.31 28.62
CA ILE A 106 -7.66 3.25 29.58
C ILE A 106 -7.56 4.43 30.54
N LYS A 107 -8.71 4.95 30.97
CA LYS A 107 -8.71 6.06 31.90
C LYS A 107 -9.41 5.66 33.20
N ASP B 1 1.12 -20.71 4.29
CA ASP B 1 0.94 -19.27 4.66
C ASP B 1 2.28 -18.54 4.64
N VAL B 2 2.22 -17.22 4.59
CA VAL B 2 3.42 -16.40 4.53
C VAL B 2 3.98 -15.94 5.88
N GLN B 3 5.29 -15.98 5.99
CA GLN B 3 6.00 -15.57 7.20
C GLN B 3 7.20 -14.71 6.81
N LEU B 4 7.41 -13.62 7.54
CA LEU B 4 8.55 -12.73 7.30
C LEU B 4 9.35 -12.63 8.58
N GLN B 5 10.67 -12.54 8.47
CA GLN B 5 11.53 -12.43 9.64
C GLN B 5 12.82 -11.68 9.36
N GLU B 6 13.07 -10.63 10.13
CA GLU B 6 14.27 -9.83 9.97
C GLU B 6 15.45 -10.50 10.69
N SER B 7 16.65 -10.31 10.16
CA SER B 7 17.85 -10.85 10.78
C SER B 7 19.01 -9.92 10.47
N GLY B 8 20.00 -9.91 11.34
CA GLY B 8 21.15 -9.04 11.13
C GLY B 8 21.63 -8.44 12.45
N PRO B 9 22.77 -7.74 12.44
CA PRO B 9 23.32 -7.12 13.65
C PRO B 9 22.40 -6.12 14.34
N SER B 10 22.48 -6.07 15.67
CA SER B 10 21.66 -5.16 16.46
C SER B 10 22.49 -3.97 16.93
N LEU B 11 23.81 -4.10 16.83
CA LEU B 11 24.72 -3.03 17.24
C LEU B 11 25.65 -2.70 16.08
N VAL B 12 25.66 -1.43 15.66
CA VAL B 12 26.53 -1.00 14.57
C VAL B 12 27.24 0.29 14.96
N LYS B 13 28.37 0.52 14.31
CA LYS B 13 29.16 1.72 14.59
C LYS B 13 28.83 2.86 13.63
N PRO B 14 28.95 4.10 14.10
CA PRO B 14 28.65 5.24 13.23
C PRO B 14 29.52 5.15 11.98
N SER B 15 28.95 5.58 10.86
CA SER B 15 29.62 5.58 9.56
C SER B 15 29.65 4.24 8.82
N GLN B 16 29.32 3.15 9.51
CA GLN B 16 29.34 1.85 8.85
C GLN B 16 28.05 1.62 8.06
N THR B 17 27.99 0.49 7.38
CA THR B 17 26.82 0.14 6.60
C THR B 17 25.95 -0.82 7.39
N LEU B 18 24.70 -0.45 7.59
CA LEU B 18 23.74 -1.28 8.31
C LEU B 18 23.11 -2.21 7.29
N SER B 19 23.16 -3.51 7.55
CA SER B 19 22.59 -4.48 6.62
C SER B 19 21.65 -5.47 7.31
N LEU B 20 20.42 -5.55 6.83
CA LEU B 20 19.43 -6.46 7.39
C LEU B 20 18.89 -7.36 6.29
N THR B 21 18.46 -8.55 6.69
CA THR B 21 17.90 -9.52 5.78
C THR B 21 16.47 -9.83 6.19
N CYS B 22 15.60 -10.04 5.21
CA CYS B 22 14.23 -10.42 5.50
C CYS B 22 14.01 -11.74 4.80
N SER B 23 13.79 -12.79 5.57
CA SER B 23 13.57 -14.11 5.00
C SER B 23 12.07 -14.34 4.86
N VAL B 24 11.64 -14.67 3.63
CA VAL B 24 10.24 -14.91 3.36
C VAL B 24 10.01 -16.41 3.23
N THR B 25 9.02 -16.91 3.98
CA THR B 25 8.69 -18.33 3.96
C THR B 25 7.20 -18.48 3.63
N GLY B 26 6.88 -19.43 2.76
CA GLY B 26 5.49 -19.65 2.41
C GLY B 26 5.11 -19.31 0.99
N ASP B 27 5.92 -18.48 0.34
CA ASP B 27 5.66 -18.07 -1.03
C ASP B 27 6.93 -17.43 -1.59
N SER B 28 7.01 -17.33 -2.91
CA SER B 28 8.17 -16.75 -3.56
C SER B 28 8.19 -15.23 -3.47
N ILE B 29 9.40 -14.66 -3.37
CA ILE B 29 9.51 -13.21 -3.29
C ILE B 29 9.11 -12.59 -4.62
N THR B 30 9.01 -13.41 -5.67
CA THR B 30 8.63 -12.90 -6.98
C THR B 30 7.11 -12.71 -7.05
N SER B 31 6.42 -13.06 -5.97
CA SER B 31 4.96 -12.93 -5.93
C SER B 31 4.43 -11.72 -5.17
N ASP B 32 5.30 -10.74 -4.91
CA ASP B 32 4.84 -9.54 -4.20
C ASP B 32 5.85 -8.41 -4.30
N TYR B 33 5.48 -7.27 -3.73
CA TYR B 33 6.35 -6.09 -3.66
C TYR B 33 6.83 -6.13 -2.22
N TRP B 34 8.10 -5.79 -1.98
CA TRP B 34 8.66 -5.86 -0.63
C TRP B 34 9.17 -4.54 -0.07
N SER B 35 8.83 -4.26 1.18
CA SER B 35 9.20 -3.00 1.80
C SER B 35 9.97 -3.06 3.11
N TRP B 36 10.48 -1.89 3.50
CA TRP B 36 11.20 -1.72 4.75
C TRP B 36 10.65 -0.46 5.42
N ILE B 37 10.31 -0.60 6.69
CA ILE B 37 9.77 0.50 7.49
C ILE B 37 10.52 0.50 8.82
N ARG B 38 10.77 1.67 9.38
CA ARG B 38 11.46 1.72 10.66
C ARG B 38 10.74 2.67 11.62
N LYS B 39 10.90 2.42 12.91
CA LYS B 39 10.27 3.23 13.94
C LYS B 39 11.35 3.82 14.84
N PHE B 40 11.38 5.15 14.92
CA PHE B 40 12.34 5.86 15.73
C PHE B 40 11.90 5.88 17.20
N PRO B 41 12.87 5.96 18.12
CA PRO B 41 12.65 5.99 19.57
C PRO B 41 11.41 6.73 20.07
N GLY B 42 10.92 7.71 19.31
CA GLY B 42 9.77 8.47 19.75
C GLY B 42 8.44 8.22 19.04
N ASN B 43 8.17 6.97 18.69
CA ASN B 43 6.92 6.62 18.00
C ASN B 43 6.78 7.22 16.61
N ARG B 44 7.91 7.52 15.97
CA ARG B 44 7.88 8.08 14.62
C ARG B 44 8.16 6.97 13.63
N LEU B 45 7.23 6.75 12.70
CA LEU B 45 7.38 5.72 11.68
C LEU B 45 7.82 6.35 10.36
N GLU B 46 8.72 5.68 9.67
CA GLU B 46 9.21 6.17 8.38
C GLU B 46 9.21 5.03 7.37
N TYR B 47 8.57 5.26 6.23
CA TYR B 47 8.54 4.23 5.19
C TYR B 47 9.85 4.45 4.44
N MET B 48 10.75 3.49 4.55
CA MET B 48 12.06 3.58 3.92
C MET B 48 12.04 3.38 2.41
N GLY B 49 11.31 2.37 1.96
CA GLY B 49 11.23 2.12 0.54
C GLY B 49 10.72 0.73 0.23
N TYR B 50 10.55 0.43 -1.06
CA TYR B 50 10.10 -0.88 -1.48
C TYR B 50 10.65 -1.22 -2.85
N VAL B 51 10.64 -2.51 -3.16
CA VAL B 51 11.10 -2.98 -4.46
C VAL B 51 9.91 -3.72 -5.06
N SER B 52 9.54 -3.37 -6.28
CA SER B 52 8.40 -4.01 -6.93
C SER B 52 8.85 -5.16 -7.84
N TYR B 53 7.88 -5.90 -8.37
CA TYR B 53 8.17 -7.08 -9.19
C TYR B 53 9.16 -6.90 -10.34
N SER B 54 9.16 -5.74 -10.98
CA SER B 54 10.07 -5.50 -12.10
C SER B 54 11.50 -5.24 -11.65
N GLY B 55 11.68 -4.96 -10.36
CA GLY B 55 13.01 -4.70 -9.85
C GLY B 55 13.19 -3.21 -9.60
N SER B 56 12.19 -2.42 -9.98
CA SER B 56 12.25 -0.98 -9.76
C SER B 56 12.18 -0.73 -8.27
N THR B 57 12.92 0.27 -7.80
CA THR B 57 12.92 0.58 -6.39
C THR B 57 12.40 1.98 -6.15
N TYR B 58 11.91 2.20 -4.94
CA TYR B 58 11.40 3.50 -4.52
C TYR B 58 11.99 3.69 -3.14
N TYR B 59 12.77 4.75 -2.98
CA TYR B 59 13.40 5.04 -1.71
C TYR B 59 12.94 6.40 -1.18
N ASN B 60 12.83 6.50 0.14
CA ASN B 60 12.40 7.75 0.75
C ASN B 60 13.51 8.78 0.55
N PRO B 61 13.16 9.97 0.03
CA PRO B 61 14.16 11.03 -0.19
C PRO B 61 14.93 11.37 1.09
N SER B 62 14.29 11.15 2.23
CA SER B 62 14.91 11.43 3.52
C SER B 62 16.19 10.64 3.75
N LEU B 63 16.34 9.54 3.03
CA LEU B 63 17.51 8.68 3.19
C LEU B 63 18.71 9.11 2.34
N LYS B 64 18.55 10.23 1.64
CA LYS B 64 19.61 10.81 0.82
C LYS B 64 20.44 9.83 -0.01
N SER B 65 19.81 8.82 -0.58
CA SER B 65 20.54 7.86 -1.40
C SER B 65 21.50 6.93 -0.65
N ARG B 66 21.32 6.82 0.67
CA ARG B 66 22.16 5.95 1.46
C ARG B 66 21.57 4.53 1.48
N ILE B 67 20.37 4.40 0.95
CA ILE B 67 19.67 3.11 0.96
C ILE B 67 19.68 2.30 -0.33
N SER B 68 19.70 0.98 -0.15
CA SER B 68 19.65 0.05 -1.27
C SER B 68 18.81 -1.14 -0.83
N ILE B 69 17.84 -1.51 -1.65
CA ILE B 69 16.99 -2.67 -1.36
C ILE B 69 17.21 -3.64 -2.51
N THR B 70 17.60 -4.87 -2.19
CA THR B 70 17.85 -5.88 -3.20
C THR B 70 17.15 -7.19 -2.87
N ARG B 71 17.13 -8.11 -3.83
CA ARG B 71 16.48 -9.40 -3.66
C ARG B 71 17.35 -10.56 -4.11
N ASP B 72 17.03 -11.76 -3.60
CA ASP B 72 17.73 -12.97 -3.95
C ASP B 72 16.67 -14.06 -4.03
N THR B 73 16.16 -14.30 -5.23
CA THR B 73 15.11 -15.30 -5.44
C THR B 73 15.52 -16.70 -5.01
N SER B 74 16.79 -17.06 -5.24
CA SER B 74 17.27 -18.38 -4.88
C SER B 74 17.20 -18.65 -3.38
N LYS B 75 17.42 -17.61 -2.58
CA LYS B 75 17.37 -17.75 -1.12
C LYS B 75 16.03 -17.27 -0.57
N ASN B 76 15.20 -16.73 -1.46
CA ASN B 76 13.89 -16.20 -1.09
C ASN B 76 14.04 -15.20 0.04
N GLN B 77 14.92 -14.23 -0.16
CA GLN B 77 15.17 -13.19 0.83
C GLN B 77 15.34 -11.86 0.11
N TYR B 78 15.14 -10.77 0.83
CA TYR B 78 15.40 -9.46 0.27
C TYR B 78 16.16 -8.71 1.34
N TYR B 79 16.86 -7.65 0.95
CA TYR B 79 17.70 -6.97 1.91
C TYR B 79 17.61 -5.46 1.97
N LEU B 80 18.15 -4.92 3.06
CA LEU B 80 18.21 -3.49 3.28
C LEU B 80 19.66 -3.16 3.62
N ASP B 81 20.22 -2.20 2.89
CA ASP B 81 21.58 -1.75 3.14
C ASP B 81 21.44 -0.25 3.34
N LEU B 82 21.92 0.26 4.47
CA LEU B 82 21.86 1.67 4.75
C LEU B 82 23.30 2.10 5.05
N ASN B 83 23.87 2.90 4.16
CA ASN B 83 25.25 3.33 4.32
C ASN B 83 25.45 4.53 5.24
N SER B 84 26.69 4.67 5.71
CA SER B 84 27.10 5.77 6.59
C SER B 84 26.09 6.16 7.66
N VAL B 85 25.73 5.20 8.50
CA VAL B 85 24.75 5.47 9.54
C VAL B 85 25.26 6.40 10.63
N THR B 86 24.33 7.00 11.35
CA THR B 86 24.65 7.91 12.46
C THR B 86 23.67 7.52 13.57
N THR B 87 23.78 8.16 14.73
CA THR B 87 22.89 7.84 15.83
C THR B 87 21.43 8.10 15.45
N GLU B 88 21.22 8.89 14.40
CA GLU B 88 19.88 9.21 13.92
C GLU B 88 19.22 7.99 13.28
N ASP B 89 20.03 6.99 12.96
CA ASP B 89 19.53 5.78 12.33
C ASP B 89 19.16 4.68 13.33
N THR B 90 19.28 4.99 14.62
CA THR B 90 18.91 4.02 15.65
C THR B 90 17.39 3.91 15.60
N ALA B 91 16.89 2.69 15.45
CA ALA B 91 15.45 2.49 15.36
C ALA B 91 15.12 1.01 15.28
N THR B 92 13.83 0.71 15.23
CA THR B 92 13.36 -0.65 15.10
C THR B 92 13.02 -0.81 13.63
N TYR B 93 13.65 -1.79 12.98
CA TYR B 93 13.45 -2.02 11.55
C TYR B 93 12.51 -3.19 11.28
N TYR B 94 11.57 -2.99 10.36
CA TYR B 94 10.62 -4.04 10.01
C TYR B 94 10.55 -4.25 8.51
N CYS B 95 10.36 -5.49 8.10
CA CYS B 95 10.16 -5.76 6.68
C CYS B 95 8.71 -6.17 6.61
N ALA B 96 8.06 -5.85 5.49
CA ALA B 96 6.65 -6.19 5.32
C ALA B 96 6.36 -6.14 3.83
N ASN B 97 5.29 -6.80 3.40
CA ASN B 97 4.96 -6.75 1.99
C ASN B 97 4.26 -5.42 1.76
N TRP B 98 4.22 -5.01 0.51
CA TRP B 98 3.61 -3.75 0.10
C TRP B 98 2.15 -3.57 0.57
N ASP B 99 1.36 -4.65 0.55
CA ASP B 99 -0.03 -4.57 0.98
C ASP B 99 -0.15 -4.28 2.48
N GLY B 100 0.91 -4.59 3.23
CA GLY B 100 0.89 -4.35 4.66
C GLY B 100 0.20 -5.44 5.46
N ASP B 101 -0.11 -6.56 4.81
CA ASP B 101 -0.76 -7.68 5.49
C ASP B 101 0.25 -8.56 6.21
N TYR B 102 1.46 -8.61 5.68
CA TYR B 102 2.52 -9.43 6.26
C TYR B 102 3.67 -8.57 6.77
N TRP B 103 4.01 -8.75 8.04
CA TRP B 103 5.09 -8.01 8.66
C TRP B 103 6.03 -8.95 9.40
N GLY B 104 7.29 -8.53 9.53
CA GLY B 104 8.26 -9.32 10.27
C GLY B 104 8.02 -8.93 11.72
N GLN B 105 8.81 -9.44 12.65
CA GLN B 105 8.61 -9.10 14.06
C GLN B 105 9.29 -7.79 14.42
N GLY B 106 10.17 -7.32 13.55
CA GLY B 106 10.88 -6.10 13.80
C GLY B 106 12.16 -6.37 14.57
N THR B 107 13.23 -5.63 14.26
CA THR B 107 14.49 -5.83 14.95
C THR B 107 15.13 -4.48 15.29
N LEU B 108 15.51 -4.33 16.55
CA LEU B 108 16.12 -3.09 17.01
C LEU B 108 17.58 -3.03 16.59
N VAL B 109 17.97 -1.90 16.01
CA VAL B 109 19.35 -1.68 15.61
C VAL B 109 19.79 -0.37 16.26
N THR B 110 20.84 -0.45 17.07
CA THR B 110 21.34 0.74 17.73
C THR B 110 22.70 1.16 17.16
N VAL B 111 22.80 2.42 16.79
CA VAL B 111 24.04 2.94 16.24
C VAL B 111 24.75 3.67 17.37
N SER B 112 25.91 3.15 17.77
CA SER B 112 26.67 3.75 18.85
C SER B 112 28.15 3.52 18.70
N ALA B 113 28.94 4.53 19.04
CA ALA B 113 30.39 4.44 18.96
C ALA B 113 30.88 3.36 19.91
N ALA B 114 30.05 3.04 20.90
CA ALA B 114 30.38 2.02 21.89
C ALA B 114 30.60 0.68 21.23
N LYS C 1 -21.66 -5.17 -15.94
CA LYS C 1 -22.10 -3.75 -16.03
C LYS C 1 -21.25 -2.97 -17.03
N VAL C 2 -21.91 -2.16 -17.85
CA VAL C 2 -21.18 -1.32 -18.80
C VAL C 2 -21.33 0.11 -18.29
N PHE C 3 -20.21 0.68 -17.85
CA PHE C 3 -20.20 2.03 -17.33
C PHE C 3 -20.36 3.09 -18.41
N GLY C 4 -20.96 4.21 -18.04
CA GLY C 4 -21.06 5.32 -18.95
C GLY C 4 -19.73 6.02 -18.70
N ARG C 5 -19.23 6.77 -19.68
CA ARG C 5 -17.94 7.46 -19.54
C ARG C 5 -17.86 8.32 -18.27
N CYS C 6 -18.82 9.22 -18.12
CA CYS C 6 -18.84 10.10 -16.96
C CYS C 6 -19.12 9.36 -15.67
N GLU C 7 -19.87 8.27 -15.76
CA GLU C 7 -20.22 7.47 -14.60
C GLU C 7 -18.93 6.86 -14.05
N LEU C 8 -18.11 6.32 -14.94
CA LEU C 8 -16.85 5.70 -14.50
C LEU C 8 -15.87 6.76 -14.01
N ALA C 9 -15.85 7.92 -14.67
CA ALA C 9 -14.94 8.98 -14.25
C ALA C 9 -15.24 9.34 -12.80
N ALA C 10 -16.52 9.51 -12.47
CA ALA C 10 -16.92 9.86 -11.11
C ALA C 10 -16.60 8.74 -10.12
N ALA C 11 -16.82 7.50 -10.54
CA ALA C 11 -16.53 6.35 -9.69
C ALA C 11 -15.04 6.24 -9.40
N MET C 12 -14.22 6.40 -10.43
CA MET C 12 -12.78 6.31 -10.26
C MET C 12 -12.22 7.42 -9.39
N LYS C 13 -12.87 8.58 -9.44
CA LYS C 13 -12.43 9.70 -8.62
C LYS C 13 -12.74 9.37 -7.16
N ARG C 14 -13.91 8.80 -6.93
CA ARG C 14 -14.33 8.41 -5.60
C ARG C 14 -13.41 7.30 -5.09
N HIS C 15 -12.93 6.46 -6.00
CA HIS C 15 -12.04 5.36 -5.66
C HIS C 15 -10.57 5.79 -5.58
N GLY C 16 -10.35 7.11 -5.55
CA GLY C 16 -9.01 7.65 -5.41
C GLY C 16 -7.97 7.51 -6.50
N LEU C 17 -8.39 7.46 -7.76
CA LEU C 17 -7.44 7.31 -8.84
C LEU C 17 -6.94 8.62 -9.45
N ASP C 18 -7.65 9.72 -9.18
CA ASP C 18 -7.25 11.01 -9.73
C ASP C 18 -5.88 11.45 -9.21
N ASN C 19 -4.89 11.37 -10.10
CA ASN C 19 -3.51 11.74 -9.81
C ASN C 19 -2.80 10.75 -8.89
N TYR C 20 -3.36 9.55 -8.78
CA TYR C 20 -2.74 8.52 -7.96
C TYR C 20 -1.38 8.24 -8.58
N ARG C 21 -0.33 8.37 -7.77
CA ARG C 21 1.04 8.14 -8.22
C ARG C 21 1.36 8.82 -9.57
N GLY C 22 0.90 10.06 -9.71
CA GLY C 22 1.18 10.83 -10.91
C GLY C 22 0.33 10.62 -12.16
N TYR C 23 -0.73 9.82 -12.04
CA TYR C 23 -1.58 9.57 -13.20
C TYR C 23 -2.94 10.25 -13.08
N SER C 24 -3.17 11.28 -13.88
CA SER C 24 -4.43 12.02 -13.88
C SER C 24 -5.61 11.11 -14.19
N LEU C 25 -6.78 11.50 -13.68
CA LEU C 25 -8.01 10.73 -13.85
C LEU C 25 -8.30 10.34 -15.29
N GLY C 26 -8.02 11.24 -16.23
CA GLY C 26 -8.27 10.95 -17.64
C GLY C 26 -7.55 9.68 -18.11
N ASN C 27 -6.37 9.44 -17.57
CA ASN C 27 -5.60 8.26 -17.95
C ASN C 27 -6.36 6.99 -17.64
N TRP C 28 -6.98 6.94 -16.46
CA TRP C 28 -7.72 5.76 -16.03
C TRP C 28 -9.00 5.51 -16.82
N VAL C 29 -9.72 6.57 -17.14
CA VAL C 29 -10.96 6.43 -17.90
C VAL C 29 -10.61 5.99 -19.33
N CYS C 30 -9.59 6.61 -19.91
CA CYS C 30 -9.15 6.27 -21.25
C CYS C 30 -8.69 4.80 -21.27
N ALA C 31 -7.97 4.38 -20.23
CA ALA C 31 -7.49 3.00 -20.16
C ALA C 31 -8.67 2.04 -20.17
N ALA C 32 -9.66 2.32 -19.33
CA ALA C 32 -10.85 1.46 -19.26
C ALA C 32 -11.58 1.42 -20.59
N LYS C 33 -11.65 2.56 -21.27
CA LYS C 33 -12.33 2.63 -22.56
C LYS C 33 -11.72 1.67 -23.58
N PHE C 34 -10.41 1.75 -23.76
CA PHE C 34 -9.74 0.92 -24.74
C PHE C 34 -9.38 -0.50 -24.29
N GLU C 35 -9.37 -0.74 -22.98
CA GLU C 35 -9.06 -2.07 -22.48
C GLU C 35 -10.31 -2.95 -22.46
N SER C 36 -11.43 -2.41 -21.96
CA SER C 36 -12.66 -3.19 -21.85
C SER C 36 -13.92 -2.54 -22.41
N ASN C 37 -13.78 -1.33 -22.94
CA ASN C 37 -14.92 -0.57 -23.46
C ASN C 37 -15.92 -0.35 -22.32
N PHE C 38 -15.39 -0.11 -21.13
CA PHE C 38 -16.18 0.17 -19.92
C PHE C 38 -17.02 -0.99 -19.40
N ASN C 39 -16.70 -2.20 -19.85
CA ASN C 39 -17.44 -3.40 -19.45
C ASN C 39 -16.76 -4.14 -18.29
N THR C 40 -17.40 -4.14 -17.12
CA THR C 40 -16.83 -4.80 -15.95
C THR C 40 -16.69 -6.31 -16.08
N GLN C 41 -17.44 -6.90 -17.02
CA GLN C 41 -17.42 -8.35 -17.20
C GLN C 41 -16.51 -8.85 -18.33
N ALA C 42 -15.83 -7.93 -18.99
CA ALA C 42 -14.95 -8.29 -20.10
C ALA C 42 -13.82 -9.23 -19.74
N THR C 43 -13.59 -10.23 -20.58
CA THR C 43 -12.50 -11.19 -20.37
C THR C 43 -11.87 -11.47 -21.73
N ASN C 44 -10.58 -11.79 -21.71
CA ASN C 44 -9.88 -12.08 -22.96
C ASN C 44 -8.82 -13.14 -22.69
N ARG C 45 -8.98 -14.30 -23.32
CA ARG C 45 -8.03 -15.39 -23.17
C ARG C 45 -6.81 -15.08 -24.02
N ASN C 46 -5.62 -15.25 -23.44
CA ASN C 46 -4.38 -14.97 -24.14
C ASN C 46 -3.66 -16.23 -24.60
N THR C 47 -2.74 -16.08 -25.55
CA THR C 47 -2.01 -17.21 -26.09
C THR C 47 -1.22 -18.00 -25.04
N ASP C 48 -0.70 -17.31 -24.02
CA ASP C 48 0.09 -17.96 -22.99
C ASP C 48 -0.76 -18.69 -21.95
N GLY C 49 -2.05 -18.79 -22.20
CA GLY C 49 -2.93 -19.49 -21.26
C GLY C 49 -3.50 -18.62 -20.17
N SER C 50 -3.07 -17.36 -20.13
CA SER C 50 -3.58 -16.43 -19.12
C SER C 50 -4.82 -15.78 -19.68
N THR C 51 -5.54 -15.05 -18.83
CA THR C 51 -6.73 -14.35 -19.25
C THR C 51 -6.71 -12.96 -18.62
N ASP C 52 -7.23 -11.96 -19.33
CA ASP C 52 -7.30 -10.60 -18.80
C ASP C 52 -8.71 -10.45 -18.26
N TYR C 53 -8.83 -9.92 -17.04
CA TYR C 53 -10.13 -9.78 -16.41
C TYR C 53 -10.62 -8.39 -16.06
N GLY C 54 -11.90 -8.17 -16.32
CA GLY C 54 -12.54 -6.92 -15.94
C GLY C 54 -12.35 -5.61 -16.67
N ILE C 55 -12.86 -4.57 -16.02
CA ILE C 55 -12.84 -3.21 -16.50
C ILE C 55 -11.45 -2.74 -16.91
N LEU C 56 -10.42 -3.22 -16.22
CA LEU C 56 -9.06 -2.84 -16.56
C LEU C 56 -8.24 -4.01 -17.06
N GLN C 57 -8.93 -5.06 -17.51
CA GLN C 57 -8.28 -6.23 -18.08
C GLN C 57 -7.01 -6.67 -17.35
N ILE C 58 -7.14 -6.98 -16.07
CA ILE C 58 -6.02 -7.41 -15.26
C ILE C 58 -5.66 -8.87 -15.54
N ASN C 59 -4.40 -9.09 -15.86
CA ASN C 59 -3.85 -10.39 -16.24
C ASN C 59 -3.70 -11.45 -15.16
N SER C 60 -4.06 -12.69 -15.49
CA SER C 60 -4.00 -13.82 -14.56
C SER C 60 -2.63 -14.48 -14.43
N ARG C 61 -1.66 -14.02 -15.22
CA ARG C 61 -0.33 -14.60 -15.12
C ARG C 61 0.50 -13.83 -14.10
N TRP C 62 0.25 -12.53 -13.99
CA TRP C 62 1.01 -11.70 -13.08
C TRP C 62 0.24 -11.15 -11.88
N TRP C 63 -1.00 -10.73 -12.11
CA TRP C 63 -1.78 -10.07 -11.06
C TRP C 63 -2.83 -10.78 -10.24
N CYS C 64 -3.69 -11.58 -10.87
CA CYS C 64 -4.73 -12.27 -10.11
C CYS C 64 -4.66 -13.76 -10.37
N ASN C 65 -5.27 -14.54 -9.47
CA ASN C 65 -5.25 -15.98 -9.60
C ASN C 65 -6.59 -16.53 -10.08
N ASP C 66 -6.59 -17.20 -11.23
CA ASP C 66 -7.82 -17.79 -11.74
C ASP C 66 -7.70 -19.32 -11.73
N GLY C 67 -6.61 -19.80 -11.14
CA GLY C 67 -6.38 -21.22 -11.02
C GLY C 67 -6.22 -22.02 -12.30
N ARG C 68 -6.05 -21.32 -13.43
CA ARG C 68 -5.90 -22.00 -14.72
C ARG C 68 -4.73 -21.46 -15.53
N THR C 69 -3.94 -20.57 -14.93
CA THR C 69 -2.82 -19.97 -15.65
C THR C 69 -1.43 -20.43 -15.23
N PRO C 70 -0.65 -20.97 -16.18
CA PRO C 70 0.71 -21.46 -15.93
C PRO C 70 1.64 -20.30 -15.52
N GLY C 71 2.48 -20.54 -14.52
CA GLY C 71 3.40 -19.51 -14.07
C GLY C 71 2.77 -18.33 -13.35
N SER C 72 1.56 -18.52 -12.85
CA SER C 72 0.84 -17.47 -12.14
C SER C 72 1.63 -16.98 -10.92
N ARG C 73 1.62 -15.67 -10.69
CA ARG C 73 2.35 -15.09 -9.55
C ARG C 73 1.41 -14.39 -8.55
N ASN C 74 0.21 -14.04 -9.01
CA ASN C 74 -0.79 -13.39 -8.16
C ASN C 74 -0.24 -12.19 -7.38
N LEU C 75 0.40 -11.25 -8.08
CA LEU C 75 0.97 -10.08 -7.43
C LEU C 75 -0.05 -9.24 -6.63
N CYS C 76 -1.31 -9.29 -7.03
CA CYS C 76 -2.35 -8.53 -6.35
C CYS C 76 -3.01 -9.30 -5.21
N ASN C 77 -2.60 -10.56 -5.03
CA ASN C 77 -3.15 -11.39 -3.97
C ASN C 77 -4.67 -11.35 -3.97
N ILE C 78 -5.24 -11.65 -5.14
CA ILE C 78 -6.69 -11.60 -5.29
C ILE C 78 -7.14 -12.58 -6.39
N PRO C 79 -8.32 -13.20 -6.21
CA PRO C 79 -8.82 -14.13 -7.22
C PRO C 79 -9.34 -13.30 -8.39
N CYS C 80 -9.09 -13.74 -9.62
CA CYS C 80 -9.54 -12.98 -10.78
C CYS C 80 -11.05 -12.75 -10.79
N SER C 81 -11.81 -13.66 -10.20
CA SER C 81 -13.25 -13.53 -10.16
C SER C 81 -13.69 -12.23 -9.49
N ALA C 82 -12.91 -11.76 -8.52
CA ALA C 82 -13.22 -10.53 -7.81
C ALA C 82 -13.10 -9.32 -8.71
N LEU C 83 -12.38 -9.48 -9.82
CA LEU C 83 -12.17 -8.40 -10.76
C LEU C 83 -13.26 -8.34 -11.83
N LEU C 84 -14.22 -9.24 -11.74
CA LEU C 84 -15.32 -9.31 -12.70
C LEU C 84 -16.64 -8.83 -12.10
N SER C 85 -16.55 -8.00 -11.06
CA SER C 85 -17.73 -7.48 -10.40
C SER C 85 -18.16 -6.12 -10.93
N SER C 86 -19.44 -5.78 -10.73
CA SER C 86 -19.93 -4.48 -11.16
C SER C 86 -19.35 -3.42 -10.24
N ASP C 87 -18.88 -3.87 -9.07
CA ASP C 87 -18.26 -3.00 -8.06
C ASP C 87 -16.78 -2.98 -8.46
N ILE C 88 -16.25 -1.80 -8.81
CA ILE C 88 -14.86 -1.69 -9.25
C ILE C 88 -13.80 -1.68 -8.15
N THR C 89 -14.23 -1.80 -6.89
CA THR C 89 -13.29 -1.77 -5.77
C THR C 89 -12.03 -2.62 -5.93
N ALA C 90 -12.19 -3.92 -6.16
CA ALA C 90 -11.03 -4.80 -6.29
C ALA C 90 -10.16 -4.48 -7.50
N SER C 91 -10.78 -4.11 -8.62
CA SER C 91 -10.02 -3.78 -9.82
C SER C 91 -9.17 -2.54 -9.56
N VAL C 92 -9.74 -1.55 -8.88
CA VAL C 92 -8.98 -0.34 -8.58
C VAL C 92 -7.84 -0.65 -7.62
N ASN C 93 -8.10 -1.46 -6.59
CA ASN C 93 -7.05 -1.81 -5.63
C ASN C 93 -5.86 -2.44 -6.34
N CYS C 94 -6.14 -3.38 -7.25
CA CYS C 94 -5.09 -4.05 -7.97
C CYS C 94 -4.40 -3.12 -8.97
N ALA C 95 -5.18 -2.28 -9.66
CA ALA C 95 -4.61 -1.34 -10.61
C ALA C 95 -3.61 -0.43 -9.91
N LYS C 96 -3.92 -0.05 -8.67
CA LYS C 96 -3.01 0.82 -7.92
C LYS C 96 -1.68 0.15 -7.62
N LYS C 97 -1.72 -1.15 -7.32
CA LYS C 97 -0.50 -1.88 -7.04
C LYS C 97 0.30 -2.02 -8.34
N ILE C 98 -0.41 -2.29 -9.43
CA ILE C 98 0.23 -2.45 -10.74
C ILE C 98 0.99 -1.19 -11.12
N VAL C 99 0.32 -0.05 -11.00
CA VAL C 99 0.92 1.22 -11.37
C VAL C 99 1.99 1.68 -10.39
N SER C 100 2.11 1.00 -9.26
CA SER C 100 3.10 1.34 -8.25
C SER C 100 4.45 0.70 -8.58
N ASP C 101 4.50 -0.01 -9.69
CA ASP C 101 5.73 -0.63 -10.16
C ASP C 101 6.31 0.38 -11.14
N GLY C 102 7.62 0.33 -11.36
CA GLY C 102 8.25 1.27 -12.28
C GLY C 102 7.67 1.35 -13.68
N ASN C 103 7.02 0.28 -14.12
CA ASN C 103 6.42 0.27 -15.45
C ASN C 103 5.17 1.13 -15.55
N GLY C 104 4.64 1.54 -14.41
CA GLY C 104 3.46 2.39 -14.39
C GLY C 104 2.31 1.88 -15.22
N MET C 105 1.61 2.77 -15.91
CA MET C 105 0.47 2.36 -16.71
C MET C 105 0.82 1.63 -18.01
N ASN C 106 2.11 1.43 -18.27
CA ASN C 106 2.53 0.74 -19.49
C ASN C 106 2.10 -0.73 -19.41
N ALA C 107 1.61 -1.15 -18.25
CA ALA C 107 1.16 -2.52 -18.06
C ALA C 107 -0.11 -2.72 -18.89
N TRP C 108 -0.79 -1.63 -19.20
CA TRP C 108 -2.02 -1.67 -19.99
C TRP C 108 -1.69 -1.34 -21.44
N VAL C 109 -1.64 -2.38 -22.27
CA VAL C 109 -1.32 -2.24 -23.69
C VAL C 109 -2.24 -1.28 -24.44
N ALA C 110 -3.54 -1.40 -24.21
CA ALA C 110 -4.51 -0.52 -24.86
C ALA C 110 -4.25 0.94 -24.48
N TRP C 111 -3.93 1.17 -23.20
CA TRP C 111 -3.65 2.52 -22.73
C TRP C 111 -2.41 3.04 -23.45
N ARG C 112 -1.40 2.18 -23.54
CA ARG C 112 -0.14 2.55 -24.16
C ARG C 112 -0.34 2.89 -25.64
N ASN C 113 -1.17 2.11 -26.32
CA ASN C 113 -1.43 2.29 -27.75
C ASN C 113 -2.47 3.34 -28.13
N ARG C 114 -3.44 3.60 -27.25
CA ARG C 114 -4.50 4.55 -27.58
C ARG C 114 -4.65 5.76 -26.65
N CYS C 115 -3.98 5.73 -25.49
CA CYS C 115 -4.11 6.82 -24.54
C CYS C 115 -2.85 7.65 -24.33
N LYS C 116 -1.74 6.97 -24.08
CA LYS C 116 -0.46 7.64 -23.86
C LYS C 116 -0.12 8.57 -25.00
N GLY C 117 0.11 9.84 -24.69
CA GLY C 117 0.45 10.80 -25.72
C GLY C 117 -0.73 11.58 -26.28
N THR C 118 -1.95 11.18 -25.88
CA THR C 118 -3.15 11.87 -26.35
C THR C 118 -3.69 12.76 -25.24
N ASP C 119 -4.69 13.56 -25.58
CA ASP C 119 -5.32 14.47 -24.62
C ASP C 119 -6.27 13.68 -23.73
N VAL C 120 -5.71 12.91 -22.79
CA VAL C 120 -6.51 12.09 -21.89
C VAL C 120 -7.52 12.86 -21.04
N GLN C 121 -7.27 14.14 -20.81
CA GLN C 121 -8.18 14.96 -20.02
C GLN C 121 -9.54 15.03 -20.70
N ALA C 122 -9.56 14.87 -22.01
CA ALA C 122 -10.81 14.92 -22.76
C ALA C 122 -11.78 13.84 -22.30
N TRP C 123 -11.24 12.77 -21.70
CA TRP C 123 -12.10 11.68 -21.22
C TRP C 123 -12.90 11.99 -19.97
N ILE C 124 -12.59 13.09 -19.30
CA ILE C 124 -13.34 13.46 -18.11
C ILE C 124 -14.01 14.81 -18.27
N ARG C 125 -13.80 15.43 -19.43
CA ARG C 125 -14.38 16.74 -19.74
C ARG C 125 -15.87 16.57 -20.05
N GLY C 126 -16.68 17.56 -19.68
CA GLY C 126 -18.11 17.48 -19.95
C GLY C 126 -18.82 16.52 -19.02
N CYS C 127 -18.24 16.30 -17.85
CA CYS C 127 -18.80 15.38 -16.85
C CYS C 127 -19.06 16.02 -15.51
N ARG C 128 -20.16 15.63 -14.87
CA ARG C 128 -20.47 16.13 -13.53
C ARG C 128 -19.65 15.19 -12.64
N LEU C 129 -18.58 15.69 -12.04
CA LEU C 129 -17.77 14.84 -11.17
C LEU C 129 -18.14 15.07 -9.71
#